data_1GJA
#
_entry.id   1GJA
#
_cell.length_a   81.84
_cell.length_b   50.26
_cell.length_c   66.38
_cell.angle_alpha   90.0
_cell.angle_beta   113.13
_cell.angle_gamma   90.0
#
_symmetry.space_group_name_H-M   'C 1 2 1'
#
loop_
_entity.id
_entity.type
_entity.pdbx_description
1 polymer 'UROKINASE-TYPE PLASMINOGEN ACTIVATOR'
2 polymer 'UROKINASE-TYPE PLASMINOGEN ACTIVATOR'
3 non-polymer 'CITRIC ACID'
4 non-polymer N-(4-CARBAMIMIDOYL-PHENYL)-2-HYDROXY-BENZAMIDE
5 water water
#
loop_
_entity_poly.entity_id
_entity_poly.type
_entity_poly.pdbx_seq_one_letter_code
_entity_poly.pdbx_strand_id
1 'polypeptide(L)' KPSSPPEELKFQCGQKTLRPRFK A
2 'polypeptide(L)'
;IIGGEFTTIENQPWFAAIYRRHRGGSVTYVCGGSLMSPCWVISATHCFIDYPKKEDYIVYLGRSRLNSNTQGEMKFEVEN
LILHKDYSADTLAHHNDIALLKIRSKEGRCAQPSRTIQTICLPSMYNDPQFGTSCEITGFGKEASTDYLYPEQLKMTVVK
LISHRECQQPHYYGSEVTTKMLCAADPQWKTDSCQGDSGGPLVCSLQGRMTLTGIVSWGRGCALKDKPGVYTRVSHFLPW
IRSHTKEENGLAL
;
B
#
# COMPACT_ATOMS: atom_id res chain seq x y z
N PRO A 5 31.46 -2.56 -0.17
CA PRO A 5 30.70 -1.38 -0.70
C PRO A 5 29.44 -1.32 0.17
N PRO A 6 28.70 -0.26 0.14
CA PRO A 6 27.64 -0.02 1.16
C PRO A 6 26.29 -0.73 0.95
N GLU A 7 25.86 -1.33 2.03
CA GLU A 7 24.57 -2.08 2.06
C GLU A 7 23.49 -1.57 1.07
N GLU A 8 23.13 -0.32 1.12
CA GLU A 8 22.09 0.26 0.18
C GLU A 8 22.18 -0.27 -1.27
N LEU A 9 23.38 -0.32 -1.83
CA LEU A 9 23.56 -0.82 -3.24
C LEU A 9 22.98 -2.21 -3.44
N LYS A 10 22.72 -2.90 -2.36
CA LYS A 10 22.17 -4.25 -2.50
C LYS A 10 20.69 -4.18 -2.74
N PHE A 11 20.10 -3.03 -2.56
CA PHE A 11 18.65 -2.97 -2.82
C PHE A 11 18.59 -3.04 -4.36
N GLN A 12 17.62 -3.73 -4.88
CA GLN A 12 17.40 -3.89 -6.35
C GLN A 12 15.90 -3.88 -6.32
N CYS A 13 15.33 -2.74 -6.52
CA CYS A 13 13.84 -2.62 -6.48
C CYS A 13 13.14 -3.71 -7.26
N GLY A 14 12.04 -4.15 -6.71
CA GLY A 14 11.27 -5.21 -7.41
C GLY A 14 11.81 -6.63 -7.33
N GLN A 15 12.99 -6.84 -6.85
CA GLN A 15 13.51 -8.26 -6.79
C GLN A 15 13.14 -9.05 -5.53
N LYS A 16 12.57 -10.23 -5.67
CA LYS A 16 12.23 -11.07 -4.50
C LYS A 16 13.45 -12.11 -4.45
N THR A 17 14.05 -12.32 -3.30
CA THR A 17 15.21 -13.23 -3.13
C THR A 17 14.66 -14.28 -2.15
N ILE B 1 -7.82 -8.66 3.14
CA ILE B 1 -8.00 -9.10 1.75
C ILE B 1 -9.06 -10.16 1.85
N ILE B 2 -9.97 -10.14 0.92
CA ILE B 2 -11.08 -11.12 0.87
C ILE B 2 -10.51 -12.15 -0.12
N GLY B 3 -10.45 -13.39 0.24
CA GLY B 3 -9.90 -14.39 -0.71
C GLY B 3 -8.42 -14.30 -0.58
N GLY B 4 -7.76 -14.69 -1.64
CA GLY B 4 -6.29 -14.62 -1.60
C GLY B 4 -5.75 -15.85 -0.90
N GLU B 5 -4.51 -15.76 -0.56
CA GLU B 5 -3.79 -16.84 0.15
C GLU B 5 -2.98 -16.17 1.26
N PHE B 6 -2.54 -16.96 2.18
CA PHE B 6 -1.72 -16.39 3.29
C PHE B 6 -0.35 -16.46 2.66
N THR B 7 0.52 -15.58 3.03
CA THR B 7 1.88 -15.59 2.45
C THR B 7 2.86 -15.15 3.54
N THR B 8 4.09 -14.92 3.15
CA THR B 8 5.13 -14.48 4.09
C THR B 8 5.75 -13.27 3.40
N ILE B 9 6.39 -12.47 4.19
CA ILE B 9 7.04 -11.24 3.68
C ILE B 9 8.04 -11.47 2.56
N GLU B 10 8.66 -12.62 2.53
CA GLU B 10 9.65 -12.87 1.43
C GLU B 10 8.97 -12.69 0.07
N ASN B 11 7.68 -12.90 0.04
CA ASN B 11 6.94 -12.75 -1.26
C ASN B 11 6.51 -11.32 -1.55
N GLN B 12 6.68 -10.44 -0.61
CA GLN B 12 6.33 -9.00 -0.76
C GLN B 12 7.30 -8.17 0.10
N PRO B 13 8.59 -8.28 -0.17
CA PRO B 13 9.62 -7.72 0.74
C PRO B 13 9.60 -6.18 0.92
N TRP B 14 8.83 -5.53 0.11
CA TRP B 14 8.69 -4.03 0.16
C TRP B 14 7.48 -3.62 1.00
N PHE B 15 6.73 -4.59 1.47
CA PHE B 15 5.51 -4.25 2.29
C PHE B 15 5.95 -3.73 3.70
N ALA B 16 5.36 -2.64 4.09
CA ALA B 16 5.63 -1.99 5.40
C ALA B 16 4.32 -1.98 6.16
N ALA B 17 4.40 -2.34 7.42
CA ALA B 17 3.22 -2.41 8.35
C ALA B 17 3.33 -1.18 9.27
N ILE B 18 2.29 -0.41 9.33
CA ILE B 18 2.27 0.84 10.16
C ILE B 18 1.28 0.68 11.32
N TYR B 19 1.77 0.96 12.50
CA TYR B 19 0.98 0.86 13.75
C TYR B 19 0.96 2.20 14.50
N ARG B 20 0.05 2.30 15.42
CA ARG B 20 -0.11 3.52 16.26
C ARG B 20 -0.02 3.08 17.72
N ARG B 21 0.66 3.90 18.48
CA ARG B 21 0.84 3.62 19.93
C ARG B 21 -0.21 4.42 20.67
N HIS B 22 -0.65 3.90 21.77
CA HIS B 22 -1.68 4.59 22.61
C HIS B 22 -0.79 4.40 23.81
N ARG B 23 -0.22 5.41 24.41
CA ARG B 23 0.65 5.10 25.59
C ARG B 23 -0.04 4.26 26.67
N GLY B 24 -1.31 3.98 26.50
CA GLY B 24 -2.05 3.16 27.50
C GLY B 24 -1.43 1.75 27.48
N GLY B 25 -0.57 1.50 26.52
CA GLY B 25 0.08 0.16 26.42
C GLY B 25 -0.12 -0.55 25.08
N SER B 26 -1.26 -0.38 24.47
CA SER B 26 -1.49 -1.08 23.18
C SER B 26 -0.93 -0.36 21.97
N VAL B 27 -0.66 -1.13 20.96
CA VAL B 27 -0.11 -0.65 19.67
C VAL B 27 -1.12 -1.30 18.73
N THR B 28 -1.77 -0.53 17.90
CA THR B 28 -2.78 -1.13 16.95
C THR B 28 -2.35 -0.90 15.50
N TYR B 29 -2.79 -1.77 14.65
CA TYR B 29 -2.42 -1.65 13.20
C TYR B 29 -3.22 -0.51 12.61
N VAL B 30 -2.61 0.17 11.69
CA VAL B 30 -3.27 1.32 11.04
C VAL B 30 -3.44 1.00 9.53
N CYS B 31 -2.33 0.94 8.83
CA CYS B 31 -2.34 0.67 7.38
C CYS B 31 -1.06 0.04 6.91
N GLY B 32 -1.03 -0.26 5.65
CA GLY B 32 0.15 -0.88 5.02
C GLY B 32 0.84 0.25 4.27
N GLY B 33 1.98 -0.04 3.73
CA GLY B 33 2.79 0.94 2.94
C GLY B 33 3.78 0.12 2.10
N SER B 34 4.62 0.81 1.38
CA SER B 34 5.63 0.14 0.52
C SER B 34 6.97 0.88 0.66
N LEU B 35 8.07 0.18 0.66
CA LEU B 35 9.41 0.83 0.80
C LEU B 35 9.86 1.26 -0.63
N MET B 36 10.07 2.54 -0.81
CA MET B 36 10.50 3.15 -2.15
C MET B 36 11.98 3.29 -2.27
N SER B 37 12.58 3.66 -1.19
CA SER B 37 14.05 3.82 -1.15
C SER B 37 14.35 3.57 0.35
N PRO B 38 15.60 3.48 0.72
CA PRO B 38 15.99 3.07 2.09
C PRO B 38 15.29 3.80 3.24
N CYS B 39 15.11 5.08 3.05
CA CYS B 39 14.48 5.92 4.09
C CYS B 39 13.06 6.35 3.81
N TRP B 40 12.47 5.95 2.72
CA TRP B 40 11.07 6.40 2.45
C TRP B 40 10.06 5.30 2.18
N VAL B 41 8.93 5.42 2.84
CA VAL B 41 7.81 4.44 2.68
C VAL B 41 6.64 5.28 2.10
N ILE B 42 5.86 4.73 1.21
CA ILE B 42 4.73 5.51 0.65
C ILE B 42 3.48 4.75 1.13
N SER B 43 2.47 5.50 1.44
CA SER B 43 1.18 4.94 1.91
C SER B 43 0.08 5.92 1.43
N ALA B 44 -1.00 5.97 2.13
CA ALA B 44 -2.14 6.84 1.80
C ALA B 44 -2.41 7.86 2.90
N THR B 45 -2.61 9.10 2.51
CA THR B 45 -2.88 10.19 3.49
C THR B 45 -4.08 9.89 4.41
N HIS B 46 -5.13 9.32 3.87
CA HIS B 46 -6.34 9.03 4.70
C HIS B 46 -6.06 8.13 5.90
N CYS B 47 -4.93 7.49 5.92
CA CYS B 47 -4.58 6.60 7.06
C CYS B 47 -4.06 7.48 8.23
N PHE B 48 -3.55 8.64 7.89
CA PHE B 48 -2.99 9.59 8.91
C PHE B 48 -3.78 10.85 9.17
N ILE B 49 -4.45 11.36 8.18
CA ILE B 49 -5.27 12.60 8.33
C ILE B 49 -5.89 12.90 9.69
N ASP B 50 -6.50 11.91 10.27
CA ASP B 50 -7.15 12.11 11.61
C ASP B 50 -6.20 12.18 12.80
N TYR B 51 -5.00 11.73 12.64
CA TYR B 51 -4.04 11.79 13.76
C TYR B 51 -2.63 12.04 13.17
N PRO B 52 -2.36 13.20 12.62
CA PRO B 52 -1.02 13.51 12.04
C PRO B 52 0.10 13.74 13.07
N LYS B 53 0.14 12.94 14.09
CA LYS B 53 1.19 13.06 15.16
C LYS B 53 2.20 11.96 14.83
N LYS B 54 3.17 12.30 14.01
CA LYS B 54 4.22 11.31 13.61
C LYS B 54 4.87 10.53 14.75
N GLU B 55 5.06 11.18 15.85
CA GLU B 55 5.71 10.48 17.01
C GLU B 55 4.90 9.32 17.57
N ASP B 56 3.68 9.23 17.20
CA ASP B 56 2.88 8.09 17.76
C ASP B 56 2.79 6.90 16.83
N TYR B 57 3.50 6.92 15.73
CA TYR B 57 3.42 5.74 14.81
C TYR B 57 4.74 4.96 14.80
N ILE B 58 4.62 3.71 14.48
CA ILE B 58 5.81 2.81 14.41
C ILE B 58 5.70 2.12 13.05
N VAL B 59 6.80 1.95 12.39
CA VAL B 59 6.78 1.27 11.08
C VAL B 59 7.70 0.05 11.19
N TYR B 60 7.24 -1.05 10.67
CA TYR B 60 8.03 -2.29 10.70
C TYR B 60 8.13 -2.78 9.24
N LEU B 61 9.29 -3.32 8.97
CA LEU B 61 9.66 -3.89 7.67
C LEU B 61 10.04 -5.36 8.05
N GLY B 62 9.95 -6.26 7.12
CA GLY B 62 10.28 -7.71 7.31
C GLY B 62 9.32 -8.40 8.27
N ARG B 63 8.08 -8.03 8.23
CA ARG B 63 7.04 -8.62 9.12
C ARG B 63 6.01 -9.52 8.36
N SER B 64 5.85 -10.77 8.76
CA SER B 64 4.88 -11.67 8.08
C SER B 64 3.63 -11.77 8.95
N ARG B 65 3.77 -11.48 10.24
CA ARG B 65 2.58 -11.55 11.16
C ARG B 65 2.30 -10.16 11.74
N LEU B 66 1.05 -9.98 12.07
CA LEU B 66 0.55 -8.70 12.61
C LEU B 66 0.98 -8.34 14.05
N ASN B 67 0.76 -9.24 14.98
CA ASN B 67 1.13 -8.95 16.40
C ASN B 67 2.23 -9.80 17.01
N SER B 68 2.82 -10.66 16.26
CA SER B 68 3.92 -11.51 16.82
C SER B 68 5.09 -11.05 16.00
N ASN B 69 6.30 -11.34 16.42
CA ASN B 69 7.48 -10.87 15.65
C ASN B 69 7.91 -11.90 14.59
N THR B 70 8.63 -11.39 13.64
CA THR B 70 9.17 -12.22 12.53
C THR B 70 10.66 -11.98 12.69
N GLN B 71 11.42 -13.02 12.50
CA GLN B 71 12.88 -12.87 12.66
C GLN B 71 13.34 -12.04 11.44
N GLY B 72 14.15 -11.05 11.71
CA GLY B 72 14.63 -10.22 10.58
C GLY B 72 13.88 -8.89 10.49
N GLU B 73 12.79 -8.75 11.21
CA GLU B 73 12.07 -7.45 11.10
C GLU B 73 12.90 -6.25 11.62
N MET B 74 12.57 -5.08 11.15
CA MET B 74 13.26 -3.83 11.57
C MET B 74 12.17 -2.91 12.05
N LYS B 75 12.43 -2.16 13.07
CA LYS B 75 11.43 -1.22 13.66
C LYS B 75 11.91 0.21 13.39
N PHE B 76 11.04 1.10 13.01
CA PHE B 76 11.43 2.51 12.73
C PHE B 76 10.44 3.50 13.31
N GLU B 77 10.92 4.70 13.49
CA GLU B 77 10.03 5.75 14.00
C GLU B 77 9.84 6.56 12.71
N VAL B 78 8.93 7.47 12.73
CA VAL B 78 8.65 8.31 11.53
C VAL B 78 9.33 9.67 11.77
N GLU B 79 10.36 9.90 11.02
CA GLU B 79 11.14 11.15 11.10
C GLU B 79 10.33 12.24 10.41
N ASN B 80 9.75 11.97 9.26
CA ASN B 80 8.94 13.04 8.57
C ASN B 80 7.65 12.35 8.11
N LEU B 81 6.54 13.04 8.16
CA LEU B 81 5.21 12.51 7.73
C LEU B 81 4.67 13.54 6.75
N ILE B 82 4.70 13.22 5.50
CA ILE B 82 4.20 14.16 4.46
C ILE B 82 2.87 13.68 3.88
N LEU B 83 1.87 14.51 4.05
CA LEU B 83 0.51 14.19 3.53
C LEU B 83 0.38 15.10 2.29
N HIS B 84 -0.59 14.76 1.34
CA HIS B 84 -0.77 15.62 0.05
C HIS B 84 -1.62 16.74 0.55
N LYS B 85 -1.41 18.01 0.03
CA LYS B 85 -2.19 19.09 0.57
C LYS B 85 -3.49 19.30 0.00
N ASP B 86 -3.58 18.67 -1.12
CA ASP B 86 -4.85 18.70 -1.87
C ASP B 86 -5.57 17.39 -1.65
N TYR B 87 -5.45 16.84 -0.48
CA TYR B 87 -6.11 15.53 -0.24
C TYR B 87 -7.52 15.94 0.08
N SER B 88 -8.47 15.19 -0.37
CA SER B 88 -9.88 15.58 -0.07
C SER B 88 -10.63 14.23 -0.05
N ALA B 89 -11.64 14.15 0.74
CA ALA B 89 -12.43 12.91 0.84
C ALA B 89 -13.83 13.41 0.59
N ASP B 90 -14.61 12.61 -0.04
CA ASP B 90 -16.01 13.02 -0.34
C ASP B 90 -16.82 11.84 0.01
N THR B 91 -17.98 11.69 -0.43
CA THR B 91 -18.80 10.52 -0.12
C THR B 91 -18.27 9.36 -1.00
N LEU B 92 -17.24 8.70 -0.55
CA LEU B 92 -16.54 7.54 -1.16
C LEU B 92 -15.10 7.73 -1.52
N ALA B 93 -14.90 8.60 -2.47
CA ALA B 93 -13.51 8.80 -2.90
C ALA B 93 -12.69 9.71 -2.06
N HIS B 94 -11.45 9.39 -2.15
CA HIS B 94 -10.36 10.08 -1.46
C HIS B 94 -9.61 10.56 -2.69
N HIS B 95 -9.24 11.80 -2.72
CA HIS B 95 -8.52 12.38 -3.86
C HIS B 95 -7.14 12.64 -3.31
N ASN B 96 -6.17 12.53 -4.19
CA ASN B 96 -4.71 12.74 -3.92
C ASN B 96 -4.41 11.99 -2.62
N ASP B 97 -4.76 10.74 -2.64
CA ASP B 97 -4.55 9.89 -1.44
C ASP B 97 -3.23 9.16 -1.46
N ILE B 98 -2.21 9.93 -1.22
CA ILE B 98 -0.82 9.42 -1.19
C ILE B 98 -0.11 10.14 -0.03
N ALA B 99 0.78 9.47 0.66
CA ALA B 99 1.54 10.07 1.81
C ALA B 99 2.92 9.44 1.80
N LEU B 100 3.86 10.16 2.34
CA LEU B 100 5.27 9.68 2.42
C LEU B 100 5.68 9.72 3.89
N LEU B 101 6.42 8.73 4.29
CA LEU B 101 6.91 8.62 5.69
C LEU B 101 8.43 8.46 5.61
N LYS B 102 9.19 9.29 6.28
CA LYS B 102 10.67 9.14 6.23
C LYS B 102 10.89 8.34 7.54
N ILE B 103 11.59 7.26 7.44
CA ILE B 103 11.85 6.39 8.63
C ILE B 103 13.27 6.46 9.16
N ARG B 104 13.41 6.20 10.44
CA ARG B 104 14.74 6.21 11.11
C ARG B 104 14.69 5.19 12.27
N SER B 105 15.67 4.36 12.42
CA SER B 105 15.65 3.36 13.53
C SER B 105 16.22 4.03 14.76
N LYS B 106 16.26 3.33 15.86
CA LYS B 106 16.81 3.93 17.12
C LYS B 106 18.34 4.11 16.99
N GLU B 107 18.93 3.45 16.02
CA GLU B 107 20.41 3.61 15.83
C GLU B 107 20.63 4.80 14.91
N GLY B 108 19.57 5.22 14.29
CA GLY B 108 19.65 6.41 13.36
C GLY B 108 19.82 5.97 11.93
N ARG B 109 19.43 4.78 11.57
CA ARG B 109 19.63 4.42 10.14
C ARG B 109 18.30 4.16 9.45
N CYS B 110 18.42 3.91 8.19
CA CYS B 110 17.23 3.64 7.37
C CYS B 110 17.25 2.11 7.16
N ALA B 111 16.42 1.63 6.29
CA ALA B 111 16.36 0.18 6.04
C ALA B 111 17.61 -0.32 5.35
N GLN B 112 17.87 -1.59 5.57
CA GLN B 112 19.05 -2.29 4.98
C GLN B 112 18.41 -3.46 4.18
N PRO B 113 19.00 -3.91 3.10
CA PRO B 113 18.37 -4.99 2.28
C PRO B 113 18.56 -6.36 2.94
N SER B 114 17.61 -7.23 2.79
CA SER B 114 17.73 -8.59 3.38
C SER B 114 16.84 -9.45 2.49
N ARG B 115 16.62 -10.68 2.85
CA ARG B 115 15.75 -11.53 1.98
C ARG B 115 14.32 -11.14 2.35
N THR B 116 14.13 -10.32 3.34
CA THR B 116 12.73 -9.93 3.70
C THR B 116 12.50 -8.44 3.57
N ILE B 117 13.51 -7.69 3.19
CA ILE B 117 13.36 -6.21 3.03
C ILE B 117 13.99 -5.84 1.68
N GLN B 118 13.16 -5.31 0.79
CA GLN B 118 13.57 -4.87 -0.59
C GLN B 118 12.75 -3.63 -0.96
N THR B 119 13.14 -2.87 -1.95
CA THR B 119 12.35 -1.68 -2.33
C THR B 119 11.52 -2.17 -3.53
N ILE B 120 10.53 -1.41 -3.91
CA ILE B 120 9.69 -1.82 -5.06
C ILE B 120 10.01 -0.67 -6.06
N CYS B 121 9.83 -0.89 -7.32
CA CYS B 121 10.14 0.17 -8.33
C CYS B 121 8.98 1.11 -8.59
N LEU B 122 9.31 2.30 -8.98
CA LEU B 122 8.26 3.29 -9.24
C LEU B 122 8.14 3.34 -10.76
N PRO B 123 6.97 3.62 -11.27
CA PRO B 123 6.76 3.68 -12.76
C PRO B 123 7.44 4.89 -13.37
N SER B 124 7.43 4.96 -14.67
CA SER B 124 8.07 6.14 -15.32
C SER B 124 6.85 7.06 -15.43
N MET B 125 7.10 8.32 -15.58
CA MET B 125 6.01 9.32 -15.70
C MET B 125 4.86 8.85 -16.56
N TYR B 126 3.68 9.01 -16.01
CA TYR B 126 2.38 8.63 -16.63
C TYR B 126 2.41 7.29 -17.36
N ASN B 127 3.25 6.39 -16.92
CA ASN B 127 3.33 5.06 -17.59
C ASN B 127 2.63 4.00 -16.73
N ASP B 128 1.62 3.37 -17.29
CA ASP B 128 0.82 2.31 -16.58
C ASP B 128 0.76 1.03 -17.43
N PRO B 129 0.47 -0.10 -16.83
CA PRO B 129 0.14 -1.33 -17.60
C PRO B 129 -1.23 -1.11 -18.29
N GLN B 130 -1.58 -1.92 -19.25
CA GLN B 130 -2.90 -1.73 -19.92
C GLN B 130 -3.92 -2.48 -19.09
N PHE B 131 -5.17 -2.12 -19.25
CA PHE B 131 -6.23 -2.81 -18.46
C PHE B 131 -6.15 -4.29 -18.87
N GLY B 132 -6.49 -5.16 -17.97
CA GLY B 132 -6.43 -6.61 -18.29
C GLY B 132 -5.22 -7.17 -17.52
N THR B 133 -4.23 -6.35 -17.29
CA THR B 133 -3.03 -6.83 -16.54
C THR B 133 -3.42 -7.33 -15.13
N SER B 134 -2.78 -8.38 -14.69
CA SER B 134 -3.04 -8.98 -13.35
C SER B 134 -1.95 -8.38 -12.48
N CYS B 135 -2.38 -7.87 -11.37
CA CYS B 135 -1.47 -7.24 -10.40
C CYS B 135 -1.83 -7.88 -9.08
N GLU B 136 -0.96 -7.77 -8.14
CA GLU B 136 -1.27 -8.38 -6.82
C GLU B 136 -1.32 -7.29 -5.80
N ILE B 137 -2.06 -7.60 -4.77
CA ILE B 137 -2.24 -6.68 -3.64
C ILE B 137 -1.89 -7.54 -2.41
N THR B 138 -1.42 -6.90 -1.37
CA THR B 138 -1.05 -7.63 -0.14
C THR B 138 -1.49 -6.77 1.05
N GLY B 139 -1.68 -7.38 2.18
CA GLY B 139 -2.11 -6.59 3.36
C GLY B 139 -2.62 -7.49 4.49
N PHE B 140 -2.89 -6.83 5.59
CA PHE B 140 -3.40 -7.47 6.85
C PHE B 140 -4.82 -7.00 7.07
N GLY B 141 -5.48 -6.54 6.04
CA GLY B 141 -6.87 -6.06 6.24
C GLY B 141 -7.86 -7.20 6.41
N LYS B 142 -9.08 -6.83 6.66
CA LYS B 142 -10.19 -7.81 6.85
C LYS B 142 -10.30 -8.86 5.77
N GLU B 143 -10.79 -9.99 6.21
CA GLU B 143 -10.99 -11.17 5.32
C GLU B 143 -12.47 -11.25 4.92
N ALA B 144 -13.29 -10.53 5.65
CA ALA B 144 -14.76 -10.49 5.39
C ALA B 144 -15.18 -9.10 5.91
N SER B 145 -16.05 -8.41 5.23
CA SER B 145 -16.49 -7.06 5.68
C SER B 145 -17.12 -7.03 7.07
N THR B 146 -17.69 -8.11 7.53
CA THR B 146 -18.32 -8.16 8.88
C THR B 146 -17.31 -8.46 9.99
N ASP B 147 -16.09 -8.74 9.61
CA ASP B 147 -15.11 -9.04 10.69
C ASP B 147 -14.78 -7.75 11.40
N TYR B 148 -14.33 -7.82 12.62
CA TYR B 148 -13.95 -6.60 13.37
C TYR B 148 -12.50 -6.74 13.87
N LEU B 149 -11.85 -7.78 13.42
CA LEU B 149 -10.42 -8.11 13.76
C LEU B 149 -9.69 -8.28 12.42
N TYR B 150 -8.40 -8.16 12.47
CA TYR B 150 -7.55 -8.31 11.26
C TYR B 150 -6.88 -9.68 11.40
N PRO B 151 -6.56 -10.34 10.30
CA PRO B 151 -5.80 -11.62 10.34
C PRO B 151 -4.41 -11.37 10.94
N GLU B 152 -3.86 -12.43 11.40
CA GLU B 152 -2.51 -12.38 12.02
C GLU B 152 -1.48 -12.70 10.96
N GLN B 153 -1.88 -13.37 9.92
CA GLN B 153 -0.91 -13.73 8.84
C GLN B 153 -1.16 -12.83 7.63
N LEU B 154 -0.08 -12.42 7.02
CA LEU B 154 -0.13 -11.54 5.83
C LEU B 154 -0.85 -12.29 4.69
N LYS B 155 -1.57 -11.56 3.88
CA LYS B 155 -2.30 -12.18 2.75
C LYS B 155 -2.02 -11.43 1.49
N MET B 156 -2.24 -12.10 0.41
CA MET B 156 -2.02 -11.53 -0.94
C MET B 156 -3.08 -12.11 -1.86
N THR B 157 -3.32 -11.45 -2.95
CA THR B 157 -4.30 -11.96 -3.94
C THR B 157 -3.94 -11.25 -5.27
N VAL B 158 -4.61 -11.69 -6.30
CA VAL B 158 -4.41 -11.15 -7.67
C VAL B 158 -5.72 -10.58 -8.19
N VAL B 159 -5.63 -9.41 -8.76
CA VAL B 159 -6.81 -8.70 -9.33
C VAL B 159 -6.34 -8.19 -10.72
N LYS B 160 -7.28 -7.82 -11.54
CA LYS B 160 -6.91 -7.31 -12.88
C LYS B 160 -7.29 -5.83 -12.96
N LEU B 161 -6.53 -5.13 -13.72
CA LEU B 161 -6.81 -3.67 -13.88
C LEU B 161 -8.02 -3.59 -14.85
N ILE B 162 -8.91 -2.66 -14.64
CA ILE B 162 -10.07 -2.53 -15.56
C ILE B 162 -9.92 -1.07 -16.11
N SER B 163 -10.61 -0.77 -17.18
CA SER B 163 -10.51 0.59 -17.79
C SER B 163 -11.26 1.65 -17.01
N HIS B 164 -11.02 2.91 -17.30
CA HIS B 164 -11.74 3.97 -16.56
C HIS B 164 -13.15 3.93 -17.15
N ARG B 165 -13.28 3.70 -18.44
CA ARG B 165 -14.64 3.65 -19.05
C ARG B 165 -15.54 2.67 -18.28
N GLU B 166 -15.01 1.50 -18.01
CA GLU B 166 -15.77 0.46 -17.27
C GLU B 166 -16.08 0.90 -15.82
N CYS B 167 -15.10 1.41 -15.13
CA CYS B 167 -15.31 1.85 -13.72
C CYS B 167 -16.19 3.10 -13.59
N GLN B 168 -16.18 3.95 -14.59
CA GLN B 168 -17.02 5.18 -14.51
C GLN B 168 -18.42 4.95 -15.02
N GLN B 169 -18.79 3.70 -15.21
CA GLN B 169 -20.17 3.47 -15.69
C GLN B 169 -21.00 3.90 -14.48
N PRO B 170 -22.12 4.52 -14.68
CA PRO B 170 -22.99 4.96 -13.58
C PRO B 170 -23.24 3.86 -12.55
N HIS B 171 -23.31 2.64 -13.01
CA HIS B 171 -23.58 1.56 -12.01
C HIS B 171 -22.36 0.96 -11.34
N TYR B 172 -21.27 1.65 -11.48
CA TYR B 172 -19.99 1.20 -10.85
C TYR B 172 -19.78 2.43 -9.97
N TYR B 173 -18.92 3.34 -10.36
CA TYR B 173 -18.69 4.55 -9.53
C TYR B 173 -18.97 5.87 -10.25
N GLY B 174 -19.36 5.85 -11.49
CA GLY B 174 -19.62 7.14 -12.16
C GLY B 174 -18.39 8.03 -12.19
N SER B 175 -18.60 9.31 -12.01
CA SER B 175 -17.48 10.28 -12.03
C SER B 175 -16.70 10.42 -10.72
N GLU B 176 -16.91 9.49 -9.84
CA GLU B 176 -16.19 9.52 -8.51
C GLU B 176 -14.75 9.11 -8.77
N VAL B 177 -14.59 8.34 -9.82
CA VAL B 177 -13.24 7.85 -10.21
C VAL B 177 -12.69 8.87 -11.18
N THR B 178 -11.48 9.30 -10.96
CA THR B 178 -10.83 10.30 -11.85
C THR B 178 -9.63 9.66 -12.56
N THR B 179 -8.98 10.46 -13.35
CA THR B 179 -7.78 9.98 -14.11
C THR B 179 -6.60 9.79 -13.17
N LYS B 180 -6.75 10.24 -11.96
CA LYS B 180 -5.65 10.09 -10.96
C LYS B 180 -5.93 8.85 -10.09
N MET B 181 -6.85 8.03 -10.51
CA MET B 181 -7.23 6.78 -9.79
C MET B 181 -7.16 5.65 -10.83
N LEU B 182 -7.15 4.44 -10.33
CA LEU B 182 -7.09 3.18 -11.15
C LEU B 182 -8.07 2.26 -10.44
N CYS B 183 -8.71 1.41 -11.18
CA CYS B 183 -9.68 0.45 -10.60
C CYS B 183 -9.14 -0.92 -10.92
N ALA B 184 -9.28 -1.83 -10.00
CA ALA B 184 -8.78 -3.21 -10.22
C ALA B 184 -9.82 -4.12 -9.60
N ALA B 185 -10.19 -5.18 -10.27
CA ALA B 185 -11.21 -6.12 -9.72
C ALA B 185 -10.92 -7.56 -10.15
N ASP B 186 -11.65 -8.45 -9.58
CA ASP B 186 -11.51 -9.89 -9.90
C ASP B 186 -12.67 -10.05 -10.90
N PRO B 187 -12.43 -10.65 -12.02
CA PRO B 187 -13.50 -10.98 -13.01
C PRO B 187 -14.79 -11.52 -12.41
N GLN B 188 -14.61 -12.27 -11.35
CA GLN B 188 -15.77 -12.91 -10.63
C GLN B 188 -16.10 -12.24 -9.32
N TRP B 189 -15.62 -11.06 -9.11
CA TRP B 189 -15.89 -10.33 -7.83
C TRP B 189 -15.80 -11.28 -6.60
N LYS B 190 -14.70 -11.98 -6.49
CA LYS B 190 -14.51 -12.92 -5.35
C LYS B 190 -13.35 -12.53 -4.43
N THR B 191 -12.33 -11.89 -4.95
CA THR B 191 -11.21 -11.50 -4.07
C THR B 191 -11.11 -9.97 -4.24
N ASP B 192 -10.64 -9.30 -3.23
CA ASP B 192 -10.50 -7.80 -3.28
C ASP B 192 -9.75 -7.32 -2.03
N SER B 193 -9.44 -6.04 -2.02
CA SER B 193 -8.75 -5.45 -0.86
C SER B 193 -9.97 -5.06 0.02
N CYS B 194 -9.72 -4.72 1.24
CA CYS B 194 -10.82 -4.35 2.16
C CYS B 194 -10.20 -3.46 3.26
N GLN B 195 -11.02 -3.11 4.19
CA GLN B 195 -10.64 -2.26 5.34
C GLN B 195 -9.39 -2.83 6.00
N GLY B 196 -8.42 -1.99 6.20
CA GLY B 196 -7.15 -2.44 6.83
C GLY B 196 -6.09 -2.59 5.74
N ASP B 197 -6.53 -2.71 4.53
CA ASP B 197 -5.55 -2.86 3.40
C ASP B 197 -5.06 -1.49 2.84
N SER B 198 -5.75 -0.42 3.15
CA SER B 198 -5.35 0.96 2.66
C SER B 198 -3.86 1.25 2.83
N GLY B 199 -3.31 1.98 1.90
CA GLY B 199 -1.87 2.34 1.98
C GLY B 199 -0.95 1.31 1.34
N GLY B 200 -1.40 0.10 1.24
CA GLY B 200 -0.51 -0.92 0.64
C GLY B 200 -0.49 -0.94 -0.88
N PRO B 201 0.37 -1.78 -1.39
CA PRO B 201 0.67 -1.81 -2.83
C PRO B 201 -0.19 -2.65 -3.75
N LEU B 202 -0.25 -2.15 -4.97
CA LEU B 202 -0.98 -2.77 -6.11
C LEU B 202 0.32 -2.87 -6.94
N VAL B 203 0.81 -4.05 -7.15
CA VAL B 203 2.07 -4.27 -7.92
C VAL B 203 1.80 -4.98 -9.26
N CYS B 204 2.36 -4.44 -10.31
CA CYS B 204 2.18 -5.03 -11.67
C CYS B 204 3.55 -5.08 -12.32
N SER B 205 3.68 -5.84 -13.35
CA SER B 205 5.00 -5.91 -14.01
C SER B 205 4.86 -4.81 -15.05
N LEU B 206 5.82 -3.94 -15.15
CA LEU B 206 5.76 -2.84 -16.14
C LEU B 206 7.18 -2.83 -16.69
N GLN B 207 7.32 -2.89 -17.98
CA GLN B 207 8.65 -2.89 -18.64
C GLN B 207 9.66 -3.84 -18.02
N GLY B 208 9.19 -4.97 -17.58
CA GLY B 208 10.10 -5.97 -16.96
C GLY B 208 10.36 -5.78 -15.46
N ARG B 209 9.74 -4.84 -14.82
CA ARG B 209 9.99 -4.64 -13.34
C ARG B 209 8.69 -4.77 -12.57
N MET B 210 8.81 -5.11 -11.32
CA MET B 210 7.61 -5.26 -10.45
C MET B 210 7.59 -3.80 -10.04
N THR B 211 6.53 -3.17 -10.41
CA THR B 211 6.31 -1.75 -10.14
C THR B 211 5.11 -1.45 -9.25
N LEU B 212 5.28 -0.38 -8.51
CA LEU B 212 4.21 0.08 -7.58
C LEU B 212 3.26 0.83 -8.55
N THR B 213 2.24 0.15 -8.99
CA THR B 213 1.29 0.79 -9.91
C THR B 213 0.21 1.53 -9.07
N GLY B 214 -0.22 1.00 -7.96
CA GLY B 214 -1.25 1.72 -7.19
C GLY B 214 -1.07 1.54 -5.68
N ILE B 215 -1.83 2.32 -4.95
CA ILE B 215 -1.83 2.32 -3.46
C ILE B 215 -3.33 2.06 -3.14
N VAL B 216 -3.61 1.11 -2.29
CA VAL B 216 -5.03 0.79 -1.93
C VAL B 216 -5.62 2.11 -1.33
N SER B 217 -6.71 2.57 -1.90
CA SER B 217 -7.38 3.82 -1.43
C SER B 217 -8.85 3.66 -0.92
N TRP B 218 -9.76 3.21 -1.75
CA TRP B 218 -11.18 3.06 -1.31
C TRP B 218 -11.97 2.08 -2.17
N GLY B 219 -13.21 1.92 -1.85
CA GLY B 219 -14.07 1.00 -2.63
C GLY B 219 -15.37 0.91 -1.86
N ARG B 220 -16.42 0.49 -2.51
CA ARG B 220 -17.73 0.39 -1.80
C ARG B 220 -17.79 -1.08 -1.39
N GLY B 221 -17.90 -1.28 -0.11
CA GLY B 221 -17.96 -2.67 0.44
C GLY B 221 -16.62 -3.34 0.06
N CYS B 222 -16.58 -4.63 0.06
CA CYS B 222 -15.36 -5.38 -0.30
C CYS B 222 -15.82 -6.57 -1.11
N ALA B 223 -15.24 -6.72 -2.26
CA ALA B 223 -15.55 -7.83 -3.23
C ALA B 223 -17.04 -7.79 -3.62
N LEU B 224 -17.57 -6.61 -3.83
CA LEU B 224 -19.00 -6.49 -4.23
C LEU B 224 -19.04 -6.41 -5.74
N LYS B 225 -20.07 -6.98 -6.29
CA LYS B 225 -20.21 -6.97 -7.77
C LYS B 225 -20.35 -5.54 -8.23
N ASP B 226 -19.66 -5.25 -9.29
CA ASP B 226 -19.64 -3.89 -9.93
C ASP B 226 -19.09 -2.80 -9.04
N LYS B 227 -18.36 -3.16 -8.02
CA LYS B 227 -17.76 -2.15 -7.08
C LYS B 227 -16.29 -2.59 -6.97
N PRO B 228 -15.50 -2.21 -7.95
CA PRO B 228 -14.05 -2.52 -8.01
C PRO B 228 -13.28 -1.80 -6.87
N GLY B 229 -12.04 -2.14 -6.71
CA GLY B 229 -11.29 -1.46 -5.63
C GLY B 229 -10.68 -0.29 -6.39
N VAL B 230 -10.52 0.81 -5.71
CA VAL B 230 -9.93 2.02 -6.35
C VAL B 230 -8.58 2.27 -5.66
N TYR B 231 -7.62 2.57 -6.49
CA TYR B 231 -6.23 2.84 -6.06
C TYR B 231 -5.73 4.20 -6.55
N THR B 232 -4.77 4.75 -5.84
CA THR B 232 -4.18 6.07 -6.21
C THR B 232 -3.27 5.67 -7.40
N ARG B 233 -3.29 6.46 -8.45
CA ARG B 233 -2.47 6.16 -9.66
C ARG B 233 -1.08 6.76 -9.49
N VAL B 234 -0.19 6.00 -8.92
CA VAL B 234 1.22 6.42 -8.66
C VAL B 234 1.93 7.17 -9.84
N SER B 235 1.77 6.67 -11.03
CA SER B 235 2.39 7.27 -12.26
C SER B 235 2.03 8.76 -12.46
N HIS B 236 0.93 9.16 -11.88
CA HIS B 236 0.49 10.58 -12.01
C HIS B 236 0.98 11.43 -10.83
N PHE B 237 1.67 10.82 -9.90
CA PHE B 237 2.18 11.58 -8.72
C PHE B 237 3.70 11.65 -8.68
N LEU B 238 4.33 11.15 -9.70
CA LEU B 238 5.81 11.18 -9.72
C LEU B 238 6.46 12.52 -9.42
N PRO B 239 6.02 13.62 -9.97
CA PRO B 239 6.62 14.96 -9.62
C PRO B 239 6.47 15.21 -8.11
N TRP B 240 5.31 14.91 -7.61
CA TRP B 240 5.05 15.11 -6.16
C TRP B 240 6.04 14.26 -5.38
N ILE B 241 6.14 13.02 -5.74
CA ILE B 241 7.08 12.12 -5.03
C ILE B 241 8.50 12.68 -5.12
N ARG B 242 8.95 12.90 -6.32
CA ARG B 242 10.33 13.46 -6.49
C ARG B 242 10.57 14.75 -5.65
N SER B 243 9.66 15.63 -5.50
CA SER B 243 9.81 16.95 -4.76
C SER B 243 9.99 16.81 -3.27
N HIS B 244 9.61 15.64 -2.76
CA HIS B 244 9.72 15.61 -1.40
C HIS B 244 10.73 14.63 -1.06
N THR B 245 10.93 13.57 -1.82
CA THR B 245 12.09 12.71 -1.42
C THR B 245 13.36 13.29 -2.12
#